data_2BJI
#
_entry.id   2BJI
#
_cell.length_a   47.230
_cell.length_b   55.150
_cell.length_c   60.880
_cell.angle_alpha   67.22
_cell.angle_beta   69.65
_cell.angle_gamma   85.14
#
_symmetry.space_group_name_H-M   'P 1'
#
loop_
_entity.id
_entity.type
_entity.pdbx_description
1 polymer 'INOSITOL-1(OR 4)-MONOPHOSPHATASE'
2 non-polymer 'MAGNESIUM ION'
3 water water
#
_entity_poly.entity_id   1
_entity_poly.type   'polypeptide(L)'
_entity_poly.pdbx_seq_one_letter_code
;MADPWQECMDYAVTLAGQAGEVVREALKNEMNIMVKSSPADLVTATDQKVEKMLITSIKEKYPSHSFIGEESVAAGEKSI
LTDNPTWIIDPIDGTTNFVHGFPFVAVSIGFVVNKKMEFGIVYSCLEDKMYTGRKGKGAFCNGQKLQVSHQEDITKSLLV
TELGSSRTPETVRIILSNIERLLCLPIHGIRGVGTAALNMCLVAAGAADAYYEMGIHCWDVAGAGIIVTEAGGVLLDVTG
GPFDLMSRRVIASSNKTLAERIAKEIQIIPLQRDDED
;
_entity_poly.pdbx_strand_id   A,B
#
# COMPACT_ATOMS: atom_id res chain seq x y z
N ASP A 3 35.63 14.33 3.74
CA ASP A 3 34.28 14.55 4.30
C ASP A 3 33.91 13.26 5.02
N PRO A 4 34.24 13.21 6.31
CA PRO A 4 34.11 11.96 7.08
C PRO A 4 32.73 11.31 6.95
N TRP A 5 31.67 12.11 7.13
CA TRP A 5 30.36 11.49 7.16
C TRP A 5 29.98 10.99 5.76
N GLN A 6 30.54 11.59 4.70
CA GLN A 6 30.20 11.03 3.39
C GLN A 6 30.83 9.65 3.20
N GLU A 7 32.04 9.46 3.72
CA GLU A 7 32.68 8.14 3.66
C GLU A 7 31.85 7.10 4.43
N CYS A 8 31.36 7.43 5.61
CA CYS A 8 30.44 6.62 6.40
C CYS A 8 29.21 6.28 5.56
N MET A 9 28.64 7.29 4.91
CA MET A 9 27.42 7.07 4.14
C MET A 9 27.65 6.14 2.96
N ASP A 10 28.70 6.40 2.17
CA ASP A 10 28.97 5.56 1.02
C ASP A 10 29.14 4.09 1.41
N TYR A 11 29.85 3.87 2.53
CA TYR A 11 30.08 2.51 3.00
C TYR A 11 28.75 1.86 3.38
N ALA A 12 27.94 2.56 4.14
CA ALA A 12 26.65 2.06 4.61
C ALA A 12 25.68 1.78 3.47
N VAL A 13 25.73 2.51 2.37
CA VAL A 13 24.90 2.21 1.22
C VAL A 13 25.35 0.86 0.63
N THR A 14 26.66 0.59 0.63
CA THR A 14 27.08 -0.73 0.12
C THR A 14 26.53 -1.84 1.03
N LEU A 15 26.62 -1.64 2.35
CA LEU A 15 26.12 -2.66 3.28
C LEU A 15 24.61 -2.82 3.18
N ALA A 16 23.86 -1.74 2.97
CA ALA A 16 22.43 -1.86 2.81
C ALA A 16 22.08 -2.74 1.60
N GLY A 17 22.82 -2.57 0.50
CA GLY A 17 22.64 -3.40 -0.68
C GLY A 17 22.90 -4.85 -0.36
N GLN A 18 23.97 -5.13 0.37
CA GLN A 18 24.27 -6.50 0.75
C GLN A 18 23.18 -7.09 1.66
N ALA A 19 22.73 -6.30 2.63
CA ALA A 19 21.62 -6.75 3.47
C ALA A 19 20.35 -7.04 2.68
N GLY A 20 20.03 -6.20 1.70
CA GLY A 20 18.85 -6.46 0.88
C GLY A 20 18.92 -7.75 0.08
N GLU A 21 20.11 -8.13 -0.37
CA GLU A 21 20.25 -9.41 -1.09
C GLU A 21 20.03 -10.56 -0.11
N VAL A 22 20.44 -10.43 1.15
CA VAL A 22 20.20 -11.45 2.17
C VAL A 22 18.70 -11.59 2.41
N VAL A 23 17.98 -10.47 2.54
CA VAL A 23 16.54 -10.51 2.70
C VAL A 23 15.87 -11.17 1.50
N ARG A 24 16.26 -10.82 0.26
CA ARG A 24 15.62 -11.44 -0.89
C ARG A 24 15.84 -12.95 -0.96
N GLU A 25 17.04 -13.40 -0.62
CA GLU A 25 17.30 -14.84 -0.65
C GLU A 25 16.53 -15.51 0.47
N ALA A 26 16.26 -14.82 1.57
CA ALA A 26 15.50 -15.46 2.66
C ALA A 26 14.02 -15.62 2.32
N LEU A 27 13.52 -14.80 1.41
CA LEU A 27 12.09 -14.89 1.06
C LEU A 27 11.76 -16.26 0.48
N LYS A 28 12.77 -16.84 -0.14
CA LYS A 28 12.66 -18.12 -0.81
C LYS A 28 12.34 -19.24 0.18
N ASN A 29 13.14 -19.34 1.23
CA ASN A 29 13.28 -20.44 2.18
C ASN A 29 12.32 -20.45 3.35
N GLU A 30 12.35 -21.51 4.16
CA GLU A 30 11.47 -21.62 5.31
C GLU A 30 11.85 -20.58 6.39
N MET A 31 10.81 -20.19 7.15
CA MET A 31 10.98 -19.14 8.14
C MET A 31 10.65 -19.60 9.55
N ASN A 32 11.37 -19.03 10.52
CA ASN A 32 11.02 -19.27 11.91
C ASN A 32 10.34 -18.01 12.45
N ILE A 33 9.01 -18.06 12.59
CA ILE A 33 8.28 -16.86 12.97
C ILE A 33 8.01 -16.78 14.47
N MET A 34 8.63 -15.80 15.12
CA MET A 34 8.51 -15.59 16.55
C MET A 34 7.76 -14.30 16.82
N VAL A 35 7.17 -14.18 18.00
CA VAL A 35 6.48 -12.95 18.36
C VAL A 35 7.20 -12.29 19.52
N LYS A 36 7.10 -10.96 19.50
CA LYS A 36 7.77 -10.07 20.42
C LYS A 36 6.72 -9.41 21.31
N SER A 37 6.36 -8.17 21.08
CA SER A 37 5.56 -7.39 22.04
C SER A 37 4.05 -7.59 21.99
N SER A 38 3.56 -8.32 20.98
CA SER A 38 2.15 -8.58 20.77
C SER A 38 2.02 -9.74 19.82
N PRO A 39 0.86 -10.37 19.74
CA PRO A 39 0.72 -11.48 18.77
C PRO A 39 0.99 -11.08 17.33
N ALA A 40 1.00 -9.80 17.01
CA ALA A 40 1.20 -9.30 15.66
C ALA A 40 2.55 -8.62 15.47
N ASP A 41 3.40 -8.63 16.48
CA ASP A 41 4.72 -8.02 16.41
C ASP A 41 5.73 -9.12 16.07
N LEU A 42 6.03 -9.35 14.80
CA LEU A 42 6.79 -10.52 14.42
C LEU A 42 8.28 -10.26 14.28
N VAL A 43 9.07 -11.34 14.44
CA VAL A 43 10.48 -11.29 14.18
C VAL A 43 10.88 -12.67 13.61
N THR A 44 11.83 -12.66 12.71
CA THR A 44 12.37 -13.89 12.12
C THR A 44 13.87 -13.93 12.38
N ALA A 45 14.44 -15.12 12.15
CA ALA A 45 15.89 -15.18 12.23
C ALA A 45 16.65 -14.25 11.30
N THR A 46 16.11 -13.96 10.13
CA THR A 46 16.68 -13.05 9.14
C THR A 46 16.78 -11.63 9.72
N ASP A 47 15.77 -11.13 10.42
CA ASP A 47 15.88 -9.84 11.08
C ASP A 47 17.10 -9.81 11.97
N GLN A 48 17.26 -10.85 12.79
CA GLN A 48 18.36 -10.90 13.76
C GLN A 48 19.71 -11.03 13.09
N LYS A 49 19.78 -11.81 12.01
CA LYS A 49 20.98 -11.99 11.24
C LYS A 49 21.48 -10.70 10.62
N VAL A 50 20.58 -10.00 9.93
CA VAL A 50 20.94 -8.78 9.21
C VAL A 50 21.42 -7.72 10.18
N GLU A 51 20.76 -7.62 11.33
CA GLU A 51 21.20 -6.63 12.30
C GLU A 51 22.63 -6.87 12.76
N LYS A 52 22.91 -8.15 13.09
CA LYS A 52 24.25 -8.43 13.57
C LYS A 52 25.31 -8.22 12.50
N MET A 53 24.96 -8.56 11.27
CA MET A 53 25.87 -8.32 10.14
C MET A 53 26.19 -6.83 10.06
N LEU A 54 25.15 -5.99 10.14
CA LEU A 54 25.32 -4.55 9.96
C LEU A 54 26.16 -3.95 11.09
N ILE A 55 25.79 -4.31 12.32
CA ILE A 55 26.53 -3.71 13.45
C ILE A 55 27.96 -4.21 13.52
N THR A 56 28.23 -5.51 13.33
CA THR A 56 29.59 -5.97 13.43
C THR A 56 30.45 -5.30 12.35
N SER A 57 29.91 -5.13 11.15
CA SER A 57 30.65 -4.53 10.05
C SER A 57 30.92 -3.05 10.27
N ILE A 58 29.90 -2.29 10.63
CA ILE A 58 30.09 -0.85 10.87
C ILE A 58 31.00 -0.60 12.05
N LYS A 59 30.83 -1.38 13.13
CA LYS A 59 31.65 -1.18 14.32
C LYS A 59 33.13 -1.43 14.03
N GLU A 60 33.47 -2.41 13.21
CA GLU A 60 34.88 -2.61 12.92
C GLU A 60 35.51 -1.38 12.22
N LYS A 61 34.71 -0.72 11.34
CA LYS A 61 35.23 0.43 10.59
C LYS A 61 35.26 1.70 11.46
N TYR A 62 34.25 1.85 12.33
CA TYR A 62 33.98 3.00 13.20
C TYR A 62 33.76 2.57 14.65
N PRO A 63 34.82 2.04 15.27
CA PRO A 63 34.60 1.43 16.58
C PRO A 63 34.26 2.38 17.71
N SER A 64 34.43 3.68 17.52
CA SER A 64 34.10 4.64 18.57
C SER A 64 32.63 5.06 18.48
N HIS A 65 31.98 4.66 17.40
CA HIS A 65 30.58 5.10 17.23
C HIS A 65 29.64 4.27 18.10
N SER A 66 28.40 4.75 18.27
CA SER A 66 27.37 4.09 19.05
C SER A 66 26.33 3.43 18.14
N PHE A 67 25.57 2.47 18.65
CA PHE A 67 24.56 1.70 17.95
C PHE A 67 23.26 1.56 18.70
N ILE A 68 22.15 1.72 17.99
CA ILE A 68 20.83 1.40 18.47
C ILE A 68 20.13 0.58 17.38
N GLY A 69 19.89 -0.70 17.64
CA GLY A 69 19.33 -1.65 16.70
C GLY A 69 18.08 -2.27 17.32
N GLU A 70 17.05 -2.39 16.50
CA GLU A 70 15.77 -2.93 16.95
C GLU A 70 15.91 -4.25 17.71
N GLU A 71 16.59 -5.22 17.11
CA GLU A 71 16.63 -6.57 17.67
C GLU A 71 17.65 -6.61 18.80
N SER A 72 18.66 -5.77 18.79
CA SER A 72 19.62 -5.64 19.90
C SER A 72 18.93 -5.18 21.15
N VAL A 73 18.08 -4.17 20.97
CA VAL A 73 17.27 -3.68 22.10
C VAL A 73 16.32 -4.78 22.54
N ALA A 74 15.71 -5.50 21.59
CA ALA A 74 14.86 -6.61 22.02
C ALA A 74 15.65 -7.63 22.84
N ALA A 75 16.94 -7.77 22.56
CA ALA A 75 17.73 -8.74 23.33
C ALA A 75 18.28 -8.20 24.65
N GLY A 76 18.02 -6.93 24.95
CA GLY A 76 18.33 -6.37 26.25
C GLY A 76 19.23 -5.17 26.19
N GLU A 77 19.70 -4.86 24.96
CA GLU A 77 20.54 -3.68 24.81
C GLU A 77 19.74 -2.40 25.07
N LYS A 78 20.40 -1.36 25.54
CA LYS A 78 19.74 -0.09 25.82
C LYS A 78 19.59 0.78 24.61
N SER A 79 18.55 1.64 24.58
CA SER A 79 18.54 2.54 23.41
C SER A 79 18.67 3.98 23.91
N ILE A 80 19.91 4.33 24.27
CA ILE A 80 20.27 5.63 24.82
C ILE A 80 20.80 6.51 23.71
N LEU A 81 20.23 7.70 23.45
CA LEU A 81 20.84 8.53 22.37
C LEU A 81 21.72 9.59 23.02
N THR A 82 23.02 9.53 22.75
CA THR A 82 23.96 10.55 23.19
C THR A 82 24.39 11.38 21.96
N ASP A 83 25.28 12.36 22.15
CA ASP A 83 25.78 13.19 21.05
C ASP A 83 26.75 12.50 20.13
N ASN A 84 27.38 11.42 20.60
CA ASN A 84 28.29 10.58 19.84
C ASN A 84 27.64 10.14 18.52
N PRO A 85 28.37 10.09 17.41
CA PRO A 85 27.82 9.54 16.17
C PRO A 85 27.19 8.18 16.41
N THR A 86 25.92 8.03 16.11
CA THR A 86 25.08 6.90 16.42
C THR A 86 24.39 6.38 15.18
N TRP A 87 24.51 5.09 14.94
CA TRP A 87 23.82 4.32 13.91
C TRP A 87 22.55 3.73 14.46
N ILE A 88 21.40 4.07 13.89
CA ILE A 88 20.10 3.57 14.33
C ILE A 88 19.53 2.69 13.25
N ILE A 89 19.41 1.40 13.55
CA ILE A 89 19.22 0.37 12.55
C ILE A 89 17.94 -0.46 12.73
N ASP A 90 17.16 -0.52 11.66
CA ASP A 90 16.00 -1.40 11.53
C ASP A 90 16.41 -2.38 10.44
N PRO A 91 16.80 -3.60 10.81
CA PRO A 91 17.35 -4.52 9.79
C PRO A 91 16.34 -4.93 8.72
N ILE A 92 15.10 -5.15 9.16
CA ILE A 92 13.94 -5.35 8.33
C ILE A 92 12.79 -4.54 8.92
N ASP A 93 12.43 -3.51 8.16
CA ASP A 93 11.25 -2.72 8.50
C ASP A 93 10.15 -3.25 7.59
N GLY A 94 9.14 -3.80 8.21
CA GLY A 94 8.10 -4.52 7.58
C GLY A 94 8.25 -6.03 7.69
N THR A 95 8.48 -6.54 8.92
CA THR A 95 8.64 -7.99 9.05
C THR A 95 7.39 -8.75 8.62
N THR A 96 6.21 -8.23 8.93
CA THR A 96 4.98 -8.90 8.51
C THR A 96 4.95 -8.99 7.00
N ASN A 97 5.27 -7.91 6.30
CA ASN A 97 5.32 -7.93 4.84
C ASN A 97 6.31 -8.98 4.35
N PHE A 98 7.48 -9.05 4.96
CA PHE A 98 8.50 -10.06 4.62
C PHE A 98 7.94 -11.47 4.75
N VAL A 99 7.26 -11.76 5.85
CA VAL A 99 6.71 -13.12 6.09
C VAL A 99 5.72 -13.49 5.01
N HIS A 100 5.00 -12.51 4.46
CA HIS A 100 3.94 -12.80 3.51
C HIS A 100 4.38 -12.56 2.07
N GLY A 101 5.51 -11.90 1.84
CA GLY A 101 5.89 -11.58 0.47
C GLY A 101 5.21 -10.31 -0.05
N PHE A 102 4.70 -9.49 0.86
CA PHE A 102 4.09 -8.22 0.46
C PHE A 102 5.23 -7.29 0.05
N PRO A 103 5.29 -6.81 -1.19
CA PRO A 103 6.57 -6.30 -1.71
C PRO A 103 7.07 -4.95 -1.27
N PHE A 104 6.89 -4.59 0.00
CA PHE A 104 7.44 -3.41 0.64
C PHE A 104 8.14 -3.83 1.93
N VAL A 105 9.45 -4.03 1.74
CA VAL A 105 10.31 -4.50 2.82
C VAL A 105 11.61 -3.70 2.73
N ALA A 106 11.98 -3.08 3.87
CA ALA A 106 13.07 -2.14 3.83
C ALA A 106 14.17 -2.51 4.81
N VAL A 107 15.41 -2.19 4.44
CA VAL A 107 16.52 -2.12 5.35
C VAL A 107 16.72 -0.63 5.67
N SER A 108 16.70 -0.20 6.90
CA SER A 108 16.80 1.22 7.25
C SER A 108 18.00 1.49 8.14
N ILE A 109 18.83 2.44 7.73
CA ILE A 109 19.97 2.90 8.51
C ILE A 109 19.93 4.43 8.65
N GLY A 110 19.84 4.92 9.87
CA GLY A 110 19.97 6.35 10.17
C GLY A 110 21.26 6.64 10.90
N PHE A 111 21.89 7.77 10.63
CA PHE A 111 23.15 8.17 11.23
C PHE A 111 22.93 9.53 11.89
N VAL A 112 23.10 9.59 13.17
CA VAL A 112 22.68 10.73 14.00
C VAL A 112 23.88 11.27 14.76
N VAL A 113 24.13 12.58 14.73
CA VAL A 113 25.29 13.23 15.34
C VAL A 113 24.79 14.42 16.14
N ASN A 114 25.20 14.61 17.38
CA ASN A 114 24.60 15.65 18.23
C ASN A 114 23.08 15.62 18.35
N LYS A 115 22.56 14.39 18.31
CA LYS A 115 21.14 14.06 18.39
C LYS A 115 20.36 14.65 17.22
N LYS A 116 21.07 15.01 16.15
CA LYS A 116 20.47 15.49 14.91
C LYS A 116 20.67 14.49 13.77
N MET A 117 19.62 14.23 12.97
CA MET A 117 19.76 13.35 11.82
C MET A 117 20.80 13.92 10.85
N GLU A 118 21.78 13.12 10.43
CA GLU A 118 22.80 13.56 9.48
C GLU A 118 22.60 12.89 8.15
N PHE A 119 22.41 11.56 8.08
CA PHE A 119 22.04 10.91 6.82
C PHE A 119 21.14 9.71 7.10
N GLY A 120 20.51 9.25 6.03
CA GLY A 120 19.62 8.12 6.13
C GLY A 120 19.62 7.34 4.83
N ILE A 121 19.48 6.04 5.00
CA ILE A 121 19.46 5.05 3.92
C ILE A 121 18.26 4.13 4.14
N VAL A 122 17.39 4.03 3.14
CA VAL A 122 16.23 3.14 3.20
C VAL A 122 16.18 2.37 1.90
N TYR A 123 16.51 1.08 1.99
CA TYR A 123 16.54 0.26 0.79
C TYR A 123 15.28 -0.61 0.70
N SER A 124 14.47 -0.34 -0.30
CA SER A 124 13.28 -1.13 -0.61
C SER A 124 13.76 -2.34 -1.40
N CYS A 125 13.90 -3.48 -0.70
CA CYS A 125 14.50 -4.72 -1.13
C CYS A 125 13.87 -5.41 -2.33
N LEU A 126 12.52 -5.39 -2.29
CA LEU A 126 11.81 -6.13 -3.33
C LEU A 126 11.59 -5.26 -4.56
N GLU A 127 11.74 -3.95 -4.41
CA GLU A 127 11.59 -3.01 -5.52
C GLU A 127 12.89 -2.56 -6.16
N ASP A 128 14.01 -2.86 -5.49
CA ASP A 128 15.33 -2.37 -5.85
C ASP A 128 15.36 -0.84 -5.99
N LYS A 129 14.85 -0.17 -4.97
CA LYS A 129 14.82 1.27 -4.78
C LYS A 129 15.66 1.68 -3.58
N MET A 130 16.77 2.36 -3.81
CA MET A 130 17.68 2.86 -2.78
C MET A 130 17.34 4.33 -2.49
N TYR A 131 16.67 4.61 -1.40
CA TYR A 131 16.39 5.96 -0.97
C TYR A 131 17.51 6.44 -0.05
N THR A 132 18.04 7.64 -0.32
CA THR A 132 19.11 8.23 0.47
C THR A 132 18.83 9.71 0.74
N GLY A 133 19.37 10.22 1.82
CA GLY A 133 19.29 11.62 2.17
C GLY A 133 20.40 12.01 3.10
N ARG A 134 20.94 13.22 2.93
CA ARG A 134 21.94 13.73 3.87
C ARG A 134 21.69 15.22 4.05
N LYS A 135 21.84 15.70 5.26
CA LYS A 135 21.67 17.11 5.59
C LYS A 135 22.54 17.93 4.66
N GLY A 136 21.95 18.91 3.97
CA GLY A 136 22.71 19.77 3.08
C GLY A 136 23.18 19.21 1.77
N LYS A 137 22.61 18.07 1.35
CA LYS A 137 22.97 17.35 0.15
C LYS A 137 21.80 16.87 -0.69
N GLY A 138 20.55 16.93 -0.23
CA GLY A 138 19.44 16.45 -1.02
C GLY A 138 19.02 15.03 -0.66
N ALA A 139 17.86 14.65 -1.18
CA ALA A 139 17.27 13.33 -1.07
C ALA A 139 17.08 12.74 -2.46
N PHE A 140 17.34 11.45 -2.61
CA PHE A 140 17.38 10.77 -3.88
C PHE A 140 16.77 9.36 -3.78
N CYS A 141 16.27 8.86 -4.88
CA CYS A 141 15.88 7.49 -5.11
C CYS A 141 16.61 7.04 -6.38
N ASN A 142 17.52 6.11 -6.25
CA ASN A 142 18.36 5.63 -7.35
C ASN A 142 18.92 6.79 -8.17
N GLY A 143 19.39 7.85 -7.50
CA GLY A 143 20.01 8.95 -8.21
C GLY A 143 19.10 10.05 -8.68
N GLN A 144 17.81 9.88 -8.49
CA GLN A 144 16.83 10.87 -8.93
C GLN A 144 16.42 11.71 -7.73
N LYS A 145 16.55 13.02 -7.86
CA LYS A 145 16.22 13.91 -6.74
C LYS A 145 14.74 13.85 -6.39
N LEU A 146 14.46 13.78 -5.11
CA LEU A 146 13.13 13.76 -4.54
C LEU A 146 12.66 15.14 -4.09
N GLN A 147 11.38 15.37 -4.28
CA GLN A 147 10.66 16.55 -3.84
C GLN A 147 9.26 16.23 -3.34
N VAL A 148 8.91 16.72 -2.15
CA VAL A 148 7.56 16.58 -1.65
C VAL A 148 6.55 17.31 -2.52
N SER A 149 5.29 16.92 -2.44
CA SER A 149 4.22 17.64 -3.12
C SER A 149 3.83 18.87 -2.28
N HIS A 150 2.88 19.69 -2.75
CA HIS A 150 2.50 20.90 -2.02
C HIS A 150 0.99 21.10 -2.03
N GLN A 151 0.29 20.41 -1.15
CA GLN A 151 -1.13 20.57 -0.86
C GLN A 151 -1.30 21.02 0.60
N GLU A 152 -1.75 22.27 0.77
CA GLU A 152 -1.92 22.77 2.12
C GLU A 152 -3.35 22.59 2.60
N ASP A 153 -4.25 22.12 1.77
CA ASP A 153 -5.65 21.90 2.19
C ASP A 153 -5.90 20.46 2.61
N ILE A 154 -6.08 20.16 3.89
CA ILE A 154 -6.20 18.77 4.34
C ILE A 154 -7.40 18.11 3.68
N THR A 155 -8.45 18.86 3.29
CA THR A 155 -9.59 18.20 2.65
C THR A 155 -9.30 17.68 1.24
N LYS A 156 -8.13 18.00 0.69
CA LYS A 156 -7.70 17.48 -0.59
C LYS A 156 -6.45 16.60 -0.46
N SER A 157 -6.27 16.07 0.75
CA SER A 157 -5.01 15.37 1.05
C SER A 157 -5.19 13.85 1.03
N LEU A 158 -4.05 13.23 0.73
CA LEU A 158 -3.91 11.78 0.86
C LEU A 158 -2.89 11.51 1.99
N LEU A 159 -3.40 10.88 3.05
CA LEU A 159 -2.60 10.68 4.25
C LEU A 159 -2.17 9.21 4.35
N VAL A 160 -1.10 8.95 5.06
CA VAL A 160 -0.56 7.61 5.21
C VAL A 160 -0.45 7.25 6.67
N THR A 161 -0.82 6.04 7.04
CA THR A 161 -0.66 5.58 8.43
C THR A 161 -0.77 4.06 8.48
N GLU A 162 -0.65 3.37 9.58
CA GLU A 162 -0.78 1.96 9.81
C GLU A 162 -1.64 1.72 11.05
N LEU A 163 -2.19 0.49 11.11
CA LEU A 163 -3.06 0.09 12.22
C LEU A 163 -2.30 -0.29 13.48
N GLY A 164 -1.03 -0.59 13.33
CA GLY A 164 -0.20 -0.82 14.51
C GLY A 164 -0.12 -2.32 14.85
N SER A 165 0.89 -2.65 15.63
CA SER A 165 1.04 -4.03 16.07
C SER A 165 0.21 -4.36 17.31
N SER A 166 -0.29 -3.40 18.07
CA SER A 166 -1.13 -3.74 19.23
C SER A 166 -2.40 -4.47 18.85
N ARG A 167 -2.78 -5.43 19.67
CA ARG A 167 -4.08 -6.08 19.53
C ARG A 167 -4.87 -5.82 20.81
N THR A 168 -4.45 -4.83 21.62
CA THR A 168 -5.26 -4.50 22.82
C THR A 168 -6.50 -3.69 22.42
N PRO A 169 -7.70 -4.12 22.74
CA PRO A 169 -8.90 -3.43 22.26
C PRO A 169 -8.95 -1.93 22.47
N GLU A 170 -8.53 -1.46 23.62
CA GLU A 170 -8.57 -0.05 23.95
C GLU A 170 -7.64 0.75 23.05
N THR A 171 -6.51 0.14 22.69
CA THR A 171 -5.54 0.79 21.79
C THR A 171 -6.06 0.85 20.36
N VAL A 172 -6.50 -0.26 19.83
CA VAL A 172 -7.08 -0.36 18.51
C VAL A 172 -8.26 0.58 18.36
N ARG A 173 -9.11 0.69 19.38
CA ARG A 173 -10.21 1.64 19.33
C ARG A 173 -9.74 3.07 19.14
N ILE A 174 -8.71 3.58 19.81
CA ILE A 174 -8.24 4.94 19.56
C ILE A 174 -7.62 5.07 18.19
N ILE A 175 -6.84 4.07 17.75
CA ILE A 175 -6.23 4.20 16.42
C ILE A 175 -7.32 4.33 15.35
N LEU A 176 -8.36 3.52 15.46
CA LEU A 176 -9.47 3.59 14.48
C LEU A 176 -10.27 4.87 14.65
N SER A 177 -10.45 5.36 15.87
CA SER A 177 -11.14 6.64 16.06
C SER A 177 -10.38 7.78 15.42
N ASN A 178 -9.05 7.75 15.47
CA ASN A 178 -8.24 8.79 14.83
C ASN A 178 -8.46 8.76 13.33
N ILE A 179 -8.48 7.54 12.76
CA ILE A 179 -8.73 7.41 11.33
C ILE A 179 -10.10 7.95 10.99
N GLU A 180 -11.13 7.60 11.77
CA GLU A 180 -12.47 8.09 11.51
C GLU A 180 -12.51 9.61 11.50
N ARG A 181 -11.86 10.24 12.48
CA ARG A 181 -11.86 11.68 12.60
C ARG A 181 -11.28 12.31 11.33
N LEU A 182 -10.13 11.78 10.89
CA LEU A 182 -9.45 12.36 9.73
C LEU A 182 -10.27 12.09 8.48
N LEU A 183 -10.76 10.85 8.33
CA LEU A 183 -11.43 10.44 7.12
C LEU A 183 -12.62 11.36 6.85
N CYS A 184 -13.32 11.70 7.93
CA CYS A 184 -14.54 12.49 7.81
C CYS A 184 -14.29 13.99 7.84
N LEU A 185 -13.07 14.52 7.82
CA LEU A 185 -12.91 16.00 7.75
C LEU A 185 -13.63 16.65 6.58
N PRO A 186 -13.72 16.13 5.38
CA PRO A 186 -13.14 14.90 4.86
C PRO A 186 -11.77 15.08 4.24
N ILE A 187 -11.10 13.96 3.99
CA ILE A 187 -9.87 13.87 3.25
C ILE A 187 -10.05 12.97 2.02
N HIS A 188 -9.10 12.99 1.08
CA HIS A 188 -9.21 12.13 -0.09
C HIS A 188 -9.09 10.66 0.24
N GLY A 189 -8.26 10.32 1.24
CA GLY A 189 -8.12 8.93 1.60
C GLY A 189 -6.94 8.70 2.55
N ILE A 190 -6.86 7.45 3.03
CA ILE A 190 -5.75 6.97 3.83
C ILE A 190 -5.11 5.81 3.07
N ARG A 191 -3.80 5.77 3.09
CA ARG A 191 -2.98 4.73 2.50
C ARG A 191 -1.91 4.24 3.48
N GLY A 192 -1.16 3.22 3.03
CA GLY A 192 -0.08 2.63 3.82
C GLY A 192 0.48 1.49 2.97
N VAL A 193 1.74 1.14 3.18
CA VAL A 193 2.30 -0.01 2.50
C VAL A 193 2.83 -1.00 3.57
N GLY A 194 2.64 -0.76 4.87
CA GLY A 194 2.99 -1.72 5.90
C GLY A 194 4.38 -1.58 6.48
N THR A 195 5.02 -0.43 6.24
CA THR A 195 6.32 -0.11 6.84
C THR A 195 6.43 1.41 6.98
N ALA A 196 6.89 1.86 8.13
CA ALA A 196 7.03 3.26 8.49
C ALA A 196 8.01 3.92 7.54
N ALA A 197 9.14 3.23 7.34
CA ALA A 197 10.21 3.84 6.56
C ALA A 197 9.78 4.05 5.12
N LEU A 198 9.12 3.08 4.51
CA LEU A 198 8.63 3.29 3.13
C LEU A 198 7.43 4.20 3.03
N ASN A 199 6.58 4.20 4.04
CA ASN A 199 5.51 5.19 4.05
C ASN A 199 6.09 6.59 4.05
N MET A 200 7.13 6.85 4.84
CA MET A 200 7.78 8.16 4.85
C MET A 200 8.47 8.47 3.54
N CYS A 201 9.10 7.46 2.91
CA CYS A 201 9.74 7.71 1.61
C CYS A 201 8.69 8.03 0.55
N LEU A 202 7.48 7.51 0.64
CA LEU A 202 6.42 7.91 -0.30
C LEU A 202 6.08 9.38 -0.14
N VAL A 203 6.02 9.87 1.11
CA VAL A 203 5.81 11.31 1.29
C VAL A 203 6.99 12.11 0.74
N ALA A 204 8.23 11.65 0.97
CA ALA A 204 9.43 12.28 0.43
C ALA A 204 9.38 12.46 -1.08
N ALA A 205 8.87 11.44 -1.76
CA ALA A 205 8.82 11.43 -3.19
C ALA A 205 7.63 12.20 -3.77
N GLY A 206 6.74 12.68 -2.93
CA GLY A 206 5.55 13.43 -3.35
C GLY A 206 4.36 12.54 -3.73
N ALA A 207 4.36 11.28 -3.35
CA ALA A 207 3.30 10.31 -3.66
C ALA A 207 2.12 10.35 -2.69
N ALA A 208 2.30 10.98 -1.54
CA ALA A 208 1.29 11.25 -0.54
C ALA A 208 1.65 12.56 0.19
N ASP A 209 0.67 13.13 0.84
CA ASP A 209 0.88 14.47 1.42
C ASP A 209 1.48 14.42 2.82
N ALA A 210 1.19 13.40 3.61
CA ALA A 210 1.73 13.33 4.98
C ALA A 210 1.50 11.93 5.55
N TYR A 211 2.35 11.58 6.51
CA TYR A 211 2.36 10.36 7.30
C TYR A 211 2.29 10.68 8.78
N TYR A 212 1.55 9.86 9.53
CA TYR A 212 1.54 9.96 10.97
C TYR A 212 1.42 8.56 11.60
N GLU A 213 1.98 8.42 12.80
CA GLU A 213 1.84 7.20 13.55
C GLU A 213 2.31 7.42 14.99
N MET A 214 1.65 6.68 15.88
CA MET A 214 2.03 6.55 17.27
C MET A 214 2.22 5.06 17.58
N GLY A 215 3.35 4.70 18.16
CA GLY A 215 3.68 3.31 18.39
C GLY A 215 4.97 2.87 17.73
N ILE A 216 5.51 3.68 16.84
CA ILE A 216 6.77 3.45 16.14
C ILE A 216 7.91 3.66 17.14
N HIS A 217 9.12 3.34 16.71
CA HIS A 217 10.34 3.49 17.46
C HIS A 217 11.39 4.27 16.65
N CYS A 218 12.48 4.70 17.33
CA CYS A 218 13.46 5.54 16.67
C CYS A 218 13.98 4.87 15.41
N TRP A 219 14.21 3.55 15.44
CA TRP A 219 14.72 2.87 14.25
C TRP A 219 13.75 2.81 13.10
N ASP A 220 12.47 2.97 13.32
CA ASP A 220 11.50 2.98 12.24
C ASP A 220 11.61 4.23 11.38
N VAL A 221 12.05 5.31 12.04
CA VAL A 221 11.94 6.61 11.39
C VAL A 221 13.26 7.32 11.22
N ALA A 222 14.36 6.91 11.80
CA ALA A 222 15.60 7.71 11.73
C ALA A 222 16.17 7.80 10.35
N GLY A 223 16.15 6.70 9.59
CA GLY A 223 16.67 6.74 8.24
C GLY A 223 15.77 7.54 7.30
N ALA A 224 14.46 7.37 7.38
CA ALA A 224 13.61 8.13 6.47
C ALA A 224 13.39 9.59 6.85
N GLY A 225 13.53 9.98 8.09
CA GLY A 225 13.26 11.32 8.54
C GLY A 225 14.03 12.34 7.76
N ILE A 226 15.32 12.16 7.61
CA ILE A 226 16.19 13.09 6.88
C ILE A 226 15.90 13.06 5.39
N ILE A 227 15.36 11.96 4.88
CA ILE A 227 14.97 11.90 3.47
C ILE A 227 13.77 12.82 3.27
N VAL A 228 12.79 12.76 4.16
CA VAL A 228 11.62 13.62 4.10
C VAL A 228 12.05 15.09 4.17
N THR A 229 12.88 15.48 5.12
CA THR A 229 13.24 16.91 5.24
C THR A 229 14.13 17.39 4.08
N GLU A 230 15.04 16.58 3.56
CA GLU A 230 15.84 17.00 2.41
C GLU A 230 15.02 17.01 1.13
N ALA A 231 13.87 16.36 1.11
CA ALA A 231 12.93 16.47 -0.01
C ALA A 231 12.02 17.68 0.11
N GLY A 232 12.23 18.46 1.17
CA GLY A 232 11.46 19.63 1.45
C GLY A 232 10.32 19.56 2.41
N GLY A 233 10.13 18.42 3.11
CA GLY A 233 9.07 18.31 4.08
C GLY A 233 9.55 18.65 5.50
N VAL A 234 8.65 18.33 6.41
CA VAL A 234 8.87 18.69 7.79
C VAL A 234 8.46 17.54 8.69
N LEU A 235 9.08 17.48 9.85
CA LEU A 235 8.72 16.54 10.90
C LEU A 235 8.16 17.28 12.10
N LEU A 236 7.15 16.75 12.76
CA LEU A 236 6.54 17.35 13.95
C LEU A 236 6.12 16.25 14.92
N ASP A 237 6.09 16.57 16.19
CA ASP A 237 5.41 15.70 17.15
C ASP A 237 3.91 15.87 17.00
N VAL A 238 3.16 14.87 17.41
CA VAL A 238 1.70 14.90 17.35
C VAL A 238 1.15 15.90 18.36
N THR A 239 1.98 16.36 19.27
CA THR A 239 1.56 17.44 20.17
C THR A 239 1.70 18.81 19.53
N GLY A 240 2.32 18.93 18.37
CA GLY A 240 2.46 20.19 17.63
C GLY A 240 3.81 20.83 17.79
N GLY A 241 4.60 20.18 18.62
CA GLY A 241 5.90 20.65 19.06
C GLY A 241 6.91 19.99 18.17
N PRO A 242 8.17 20.31 18.41
CA PRO A 242 9.22 19.70 17.60
C PRO A 242 9.26 18.18 17.71
N PHE A 243 9.63 17.61 16.56
CA PHE A 243 9.81 16.17 16.43
C PHE A 243 10.87 15.66 17.42
N ASP A 244 10.55 14.57 18.10
CA ASP A 244 11.33 13.93 19.14
C ASP A 244 11.51 12.46 18.78
N LEU A 245 12.72 12.13 18.33
CA LEU A 245 13.00 10.81 17.77
C LEU A 245 12.76 9.66 18.72
N MET A 246 12.77 9.92 20.02
CA MET A 246 12.65 8.85 20.99
C MET A 246 11.26 8.81 21.60
N SER A 247 10.28 9.57 21.12
CA SER A 247 8.97 9.68 21.75
C SER A 247 7.92 8.67 21.29
N ARG A 248 8.22 7.85 20.30
CA ARG A 248 7.27 6.89 19.73
C ARG A 248 6.17 7.51 18.88
N ARG A 249 6.27 8.76 18.53
CA ARG A 249 5.29 9.55 17.79
C ARG A 249 5.93 10.34 16.65
N VAL A 250 5.26 10.42 15.50
CA VAL A 250 5.77 11.16 14.36
C VAL A 250 4.64 11.64 13.45
N ILE A 251 4.81 12.86 12.96
CA ILE A 251 4.14 13.40 11.78
C ILE A 251 5.23 13.78 10.78
N ALA A 252 5.25 13.19 9.60
CA ALA A 252 6.18 13.47 8.54
C ALA A 252 5.36 14.01 7.37
N SER A 253 5.44 15.31 7.13
CA SER A 253 4.52 16.00 6.23
C SER A 253 5.22 16.76 5.13
N SER A 254 4.55 16.96 4.01
CA SER A 254 5.12 17.78 2.96
C SER A 254 5.28 19.24 3.38
N ASN A 255 4.35 19.77 4.15
CA ASN A 255 4.31 21.10 4.71
C ASN A 255 3.76 21.20 6.12
N LYS A 256 4.08 22.37 6.70
CA LYS A 256 3.70 22.71 8.07
C LYS A 256 2.20 22.83 8.25
N THR A 257 1.46 23.36 7.28
CA THR A 257 0.02 23.52 7.48
C THR A 257 -0.72 22.21 7.73
N LEU A 258 -0.42 21.22 6.88
CA LEU A 258 -1.02 19.90 7.07
C LEU A 258 -0.54 19.25 8.37
N ALA A 259 0.75 19.42 8.69
CA ALA A 259 1.23 18.75 9.90
C ALA A 259 0.49 19.25 11.12
N GLU A 260 0.33 20.58 11.19
CA GLU A 260 -0.31 21.18 12.34
C GLU A 260 -1.77 20.79 12.39
N ARG A 261 -2.42 20.70 11.24
CA ARG A 261 -3.83 20.28 11.28
C ARG A 261 -4.00 18.85 11.74
N ILE A 262 -3.15 17.95 11.25
CA ILE A 262 -3.20 16.57 11.76
C ILE A 262 -3.01 16.53 13.27
N ALA A 263 -2.00 17.24 13.79
CA ALA A 263 -1.81 17.24 15.23
C ALA A 263 -3.05 17.70 16.00
N LYS A 264 -3.77 18.67 15.48
CA LYS A 264 -4.95 19.20 16.16
C LYS A 264 -6.06 18.17 16.21
N GLU A 265 -6.08 17.25 15.24
CA GLU A 265 -7.28 16.41 15.14
C GLU A 265 -7.19 15.07 15.87
N ILE A 266 -5.97 14.58 16.08
CA ILE A 266 -5.88 13.23 16.64
C ILE A 266 -5.60 13.23 18.15
N GLN A 267 -6.01 12.11 18.73
CA GLN A 267 -5.86 11.80 20.14
C GLN A 267 -4.57 11.01 20.39
N ILE A 268 -3.84 11.40 21.43
CA ILE A 268 -2.59 10.70 21.73
C ILE A 268 -2.88 9.43 22.50
N ILE A 269 -2.13 8.38 22.14
CA ILE A 269 -2.14 7.15 22.89
C ILE A 269 -0.91 7.09 23.79
N PRO A 270 -1.06 6.62 25.02
CA PRO A 270 0.09 6.60 25.95
C PRO A 270 1.09 5.54 25.55
N LEU A 271 2.37 5.87 25.53
CA LEU A 271 3.37 4.93 25.03
C LEU A 271 4.66 4.93 25.83
N GLN A 272 5.29 3.75 26.00
CA GLN A 272 6.61 3.73 26.63
C GLN A 272 7.65 4.29 25.67
N ARG A 273 8.29 5.39 26.03
CA ARG A 273 9.35 6.03 25.28
C ARG A 273 10.53 5.09 25.06
N ASP A 274 11.33 5.42 24.04
CA ASP A 274 12.57 4.69 23.77
C ASP A 274 13.68 5.21 24.68
N ASP A 275 13.51 6.37 25.29
CA ASP A 275 14.59 6.84 26.19
C ASP A 275 14.19 6.75 27.65
N GLU A 276 13.04 6.17 28.00
CA GLU A 276 12.72 5.97 29.41
C GLU A 276 13.12 4.57 29.87
N ASP A 277 12.30 3.93 30.58
N ASP B 3 -8.53 -19.43 -32.20
CA ASP B 3 -8.95 -19.13 -30.80
C ASP B 3 -9.40 -17.66 -30.77
N PRO B 4 -10.67 -17.42 -31.06
CA PRO B 4 -11.14 -16.03 -31.13
C PRO B 4 -10.94 -15.22 -29.87
N TRP B 5 -11.22 -15.81 -28.70
CA TRP B 5 -11.04 -14.98 -27.48
C TRP B 5 -9.56 -14.68 -27.26
N GLN B 6 -8.62 -15.52 -27.75
CA GLN B 6 -7.22 -15.17 -27.53
C GLN B 6 -6.85 -13.95 -28.38
N GLU B 7 -7.41 -13.86 -29.57
CA GLU B 7 -7.15 -12.71 -30.41
C GLU B 7 -7.67 -11.44 -29.77
N CYS B 8 -8.85 -11.52 -29.16
CA CYS B 8 -9.44 -10.40 -28.44
C CYS B 8 -8.48 -9.98 -27.35
N MET B 9 -7.96 -10.96 -26.60
CA MET B 9 -7.09 -10.68 -25.47
C MET B 9 -5.78 -10.04 -25.89
N ASP B 10 -5.14 -10.54 -26.94
CA ASP B 10 -3.89 -10.02 -27.43
C ASP B 10 -4.05 -8.54 -27.83
N TYR B 11 -5.16 -8.29 -28.54
CA TYR B 11 -5.46 -6.94 -29.00
C TYR B 11 -5.62 -5.99 -27.82
N ALA B 12 -6.30 -6.52 -26.78
CA ALA B 12 -6.63 -5.69 -25.60
C ALA B 12 -5.42 -5.42 -24.74
N VAL B 13 -4.47 -6.35 -24.71
CA VAL B 13 -3.25 -6.13 -23.98
C VAL B 13 -2.46 -4.98 -24.61
N THR B 14 -2.42 -4.96 -25.96
CA THR B 14 -1.76 -3.82 -26.62
C THR B 14 -2.42 -2.49 -26.29
N LEU B 15 -3.73 -2.50 -26.30
CA LEU B 15 -4.55 -1.33 -26.05
C LEU B 15 -4.30 -0.85 -24.60
N ALA B 16 -4.27 -1.74 -23.64
CA ALA B 16 -4.02 -1.39 -22.24
C ALA B 16 -2.64 -0.75 -22.10
N GLY B 17 -1.64 -1.24 -22.83
CA GLY B 17 -0.32 -0.60 -22.82
C GLY B 17 -0.34 0.85 -23.28
N GLN B 18 -1.05 1.09 -24.37
CA GLN B 18 -1.23 2.41 -24.92
C GLN B 18 -1.94 3.29 -23.94
N ALA B 19 -2.98 2.79 -23.29
CA ALA B 19 -3.69 3.57 -22.27
C ALA B 19 -2.79 3.94 -21.11
N GLY B 20 -1.91 3.00 -20.72
CA GLY B 20 -1.03 3.34 -19.61
C GLY B 20 -0.01 4.42 -19.99
N GLU B 21 0.39 4.51 -21.25
CA GLU B 21 1.26 5.64 -21.64
C GLU B 21 0.55 6.97 -21.49
N VAL B 22 -0.72 7.00 -21.87
CA VAL B 22 -1.53 8.21 -21.75
C VAL B 22 -1.59 8.61 -20.28
N VAL B 23 -1.86 7.65 -19.41
CA VAL B 23 -1.94 7.92 -17.97
C VAL B 23 -0.63 8.47 -17.44
N ARG B 24 0.50 7.84 -17.77
CA ARG B 24 1.81 8.33 -17.30
C ARG B 24 2.09 9.74 -17.80
N GLU B 25 1.70 10.02 -19.04
CA GLU B 25 2.00 11.41 -19.50
C GLU B 25 1.15 12.43 -18.79
N ALA B 26 -0.08 12.05 -18.49
CA ALA B 26 -1.01 12.98 -17.87
C ALA B 26 -0.58 13.29 -16.45
N LEU B 27 0.20 12.37 -15.88
CA LEU B 27 0.52 12.48 -14.46
C LEU B 27 1.40 13.69 -14.20
N LYS B 28 2.07 14.11 -15.27
CA LYS B 28 3.07 15.15 -15.31
C LYS B 28 2.53 16.46 -15.87
N ASN B 29 1.22 16.55 -16.03
CA ASN B 29 0.52 17.75 -16.49
C ASN B 29 -0.55 18.20 -15.49
N GLU B 30 -1.05 19.43 -15.65
CA GLU B 30 -2.07 19.88 -14.70
C GLU B 30 -3.36 19.08 -14.92
N MET B 31 -4.14 18.88 -13.87
CA MET B 31 -5.33 18.06 -13.92
C MET B 31 -6.62 18.84 -13.63
N ASN B 32 -7.66 18.35 -14.27
CA ASN B 32 -9.04 18.74 -14.06
C ASN B 32 -9.72 17.69 -13.17
N ILE B 33 -9.79 18.00 -11.89
CA ILE B 33 -10.32 17.07 -10.90
C ILE B 33 -11.76 17.43 -10.57
N MET B 34 -12.67 16.55 -10.96
CA MET B 34 -14.12 16.69 -10.82
C MET B 34 -14.63 15.68 -9.79
N VAL B 35 -15.76 16.02 -9.17
CA VAL B 35 -16.41 15.23 -8.13
C VAL B 35 -17.60 14.44 -8.60
N LYS B 36 -17.70 13.15 -8.24
CA LYS B 36 -18.86 12.34 -8.57
C LYS B 36 -19.79 12.09 -7.38
N SER B 37 -19.79 10.88 -6.79
CA SER B 37 -20.81 10.58 -5.79
C SER B 37 -20.55 11.06 -4.37
N SER B 38 -19.45 11.68 -4.05
CA SER B 38 -19.05 12.07 -2.70
C SER B 38 -17.84 12.96 -2.91
N PRO B 39 -17.38 13.69 -1.91
CA PRO B 39 -16.16 14.50 -2.11
C PRO B 39 -14.92 13.65 -2.34
N ALA B 40 -15.02 12.36 -2.02
CA ALA B 40 -13.87 11.50 -2.17
C ALA B 40 -13.94 10.63 -3.42
N ASP B 41 -14.98 10.80 -4.24
CA ASP B 41 -15.23 10.03 -5.44
C ASP B 41 -14.84 10.88 -6.65
N LEU B 42 -13.60 10.77 -7.10
CA LEU B 42 -13.04 11.70 -8.07
C LEU B 42 -13.05 11.19 -9.49
N VAL B 43 -13.08 12.11 -10.45
CA VAL B 43 -12.84 11.76 -11.84
C VAL B 43 -12.02 12.88 -12.48
N THR B 44 -11.10 12.54 -13.36
CA THR B 44 -10.36 13.53 -14.12
C THR B 44 -10.71 13.42 -15.60
N ALA B 45 -10.27 14.41 -16.38
CA ALA B 45 -10.43 14.34 -17.84
C ALA B 45 -9.71 13.14 -18.48
N THR B 46 -8.58 12.75 -17.90
CA THR B 46 -7.85 11.58 -18.34
C THR B 46 -8.69 10.31 -18.20
N ASP B 47 -9.42 10.09 -17.12
CA ASP B 47 -10.28 8.91 -16.95
C ASP B 47 -11.22 8.81 -18.13
N GLN B 48 -11.84 9.94 -18.43
CA GLN B 48 -12.87 10.01 -19.48
C GLN B 48 -12.28 9.84 -20.87
N LYS B 49 -11.12 10.44 -21.09
CA LYS B 49 -10.44 10.33 -22.37
C LYS B 49 -9.95 8.92 -22.65
N VAL B 50 -9.39 8.27 -21.65
CA VAL B 50 -8.89 6.91 -21.80
C VAL B 50 -10.06 5.96 -22.03
N GLU B 51 -11.16 6.14 -21.33
CA GLU B 51 -12.28 5.23 -21.53
C GLU B 51 -12.82 5.37 -22.95
N LYS B 52 -12.90 6.61 -23.42
CA LYS B 52 -13.40 6.82 -24.80
C LYS B 52 -12.46 6.15 -25.78
N MET B 53 -11.17 6.25 -25.57
CA MET B 53 -10.16 5.63 -26.43
C MET B 53 -10.39 4.14 -26.45
N LEU B 54 -10.54 3.53 -25.27
CA LEU B 54 -10.63 2.08 -25.17
C LEU B 54 -11.90 1.57 -25.82
N ILE B 55 -13.07 2.08 -25.42
CA ILE B 55 -14.35 1.63 -25.94
C ILE B 55 -14.48 1.93 -27.43
N THR B 56 -14.05 3.11 -27.89
CA THR B 56 -14.26 3.32 -29.33
C THR B 56 -13.40 2.36 -30.15
N SER B 57 -12.20 2.07 -29.68
CA SER B 57 -11.33 1.13 -30.39
C SER B 57 -11.87 -0.29 -30.40
N ILE B 58 -12.25 -0.77 -29.24
CA ILE B 58 -12.74 -2.15 -29.13
C ILE B 58 -14.06 -2.30 -29.87
N LYS B 59 -14.97 -1.34 -29.72
CA LYS B 59 -16.26 -1.38 -30.44
C LYS B 59 -16.09 -1.36 -31.96
N GLU B 60 -15.07 -0.64 -32.44
CA GLU B 60 -14.86 -0.52 -33.89
C GLU B 60 -14.42 -1.88 -34.40
N LYS B 61 -13.58 -2.55 -33.57
CA LYS B 61 -13.07 -3.86 -34.00
C LYS B 61 -14.10 -4.96 -33.85
N TYR B 62 -14.96 -4.84 -32.83
CA TYR B 62 -15.94 -5.84 -32.42
C TYR B 62 -17.31 -5.23 -32.22
N PRO B 63 -17.89 -4.76 -33.35
CA PRO B 63 -19.15 -4.01 -33.24
C PRO B 63 -20.31 -4.83 -32.69
N SER B 64 -20.31 -6.14 -32.62
CA SER B 64 -21.44 -6.85 -31.99
C SER B 64 -21.29 -7.06 -30.49
N HIS B 65 -20.12 -6.70 -29.94
CA HIS B 65 -19.94 -6.88 -28.51
C HIS B 65 -20.65 -5.80 -27.71
N SER B 66 -20.80 -6.00 -26.41
CA SER B 66 -21.38 -5.11 -25.46
C SER B 66 -20.30 -4.53 -24.54
N PHE B 67 -20.64 -3.39 -23.92
CA PHE B 67 -19.71 -2.66 -23.08
C PHE B 67 -20.33 -2.23 -21.75
N ILE B 68 -19.57 -2.23 -20.66
CA ILE B 68 -19.93 -1.62 -19.38
C ILE B 68 -18.65 -0.89 -18.96
N GLY B 69 -18.65 0.43 -18.97
CA GLY B 69 -17.49 1.23 -18.59
C GLY B 69 -17.88 2.17 -17.44
N GLU B 70 -17.02 2.38 -16.48
CA GLU B 70 -17.32 3.26 -15.35
C GLU B 70 -17.74 4.66 -15.78
N GLU B 71 -16.93 5.32 -16.60
CA GLU B 71 -17.28 6.71 -16.90
C GLU B 71 -18.40 6.75 -17.93
N SER B 72 -18.57 5.71 -18.71
CA SER B 72 -19.71 5.62 -19.63
C SER B 72 -21.02 5.56 -18.89
N VAL B 73 -21.05 4.78 -17.80
CA VAL B 73 -22.21 4.68 -16.93
C VAL B 73 -22.43 6.03 -16.24
N ALA B 74 -21.39 6.73 -15.82
CA ALA B 74 -21.50 8.07 -15.28
C ALA B 74 -22.10 9.01 -16.32
N ALA B 75 -21.82 8.83 -17.60
CA ALA B 75 -22.37 9.66 -18.67
C ALA B 75 -23.69 9.09 -19.21
N GLY B 76 -24.34 8.18 -18.51
CA GLY B 76 -25.70 7.78 -18.77
C GLY B 76 -25.90 6.43 -19.42
N GLU B 77 -24.87 5.66 -19.75
CA GLU B 77 -25.08 4.34 -20.35
C GLU B 77 -25.53 3.36 -19.28
N LYS B 78 -26.30 2.36 -19.74
CA LYS B 78 -26.92 1.44 -18.77
C LYS B 78 -25.88 0.41 -18.38
N SER B 79 -26.04 -0.17 -17.19
CA SER B 79 -25.05 -1.11 -16.72
C SER B 79 -25.67 -2.50 -16.62
N ILE B 80 -25.89 -3.11 -17.76
CA ILE B 80 -26.59 -4.40 -17.82
C ILE B 80 -25.63 -5.45 -18.32
N LEU B 81 -25.65 -6.62 -17.67
CA LEU B 81 -24.88 -7.78 -18.13
C LEU B 81 -25.78 -8.86 -18.73
N THR B 82 -25.56 -9.09 -20.04
CA THR B 82 -26.24 -10.14 -20.77
C THR B 82 -25.22 -11.24 -21.05
N ASP B 83 -25.63 -12.29 -21.74
CA ASP B 83 -24.76 -13.37 -22.16
C ASP B 83 -23.81 -12.99 -23.31
N ASN B 84 -24.11 -11.95 -24.07
CA ASN B 84 -23.30 -11.44 -25.17
C ASN B 84 -21.88 -11.16 -24.67
N PRO B 85 -20.83 -11.37 -25.48
CA PRO B 85 -19.49 -10.97 -25.06
C PRO B 85 -19.49 -9.50 -24.66
N THR B 86 -19.04 -9.24 -23.44
CA THR B 86 -19.09 -7.95 -22.80
C THR B 86 -17.73 -7.56 -22.25
N TRP B 87 -17.29 -6.35 -22.60
CA TRP B 87 -16.09 -5.72 -22.08
C TRP B 87 -16.45 -4.77 -20.94
N ILE B 88 -15.80 -5.03 -19.82
CA ILE B 88 -16.09 -4.30 -18.58
C ILE B 88 -14.83 -3.54 -18.23
N ILE B 89 -14.92 -2.21 -18.34
CA ILE B 89 -13.76 -1.36 -18.34
C ILE B 89 -13.69 -0.34 -17.22
N ASP B 90 -12.55 -0.31 -16.57
CA ASP B 90 -12.21 0.77 -15.62
C ASP B 90 -10.98 1.47 -16.19
N PRO B 91 -11.09 2.68 -16.76
CA PRO B 91 -9.96 3.32 -17.47
C PRO B 91 -8.82 3.67 -16.54
N ILE B 92 -9.21 4.11 -15.33
CA ILE B 92 -8.25 4.36 -14.28
C ILE B 92 -8.88 3.85 -13.01
N ASP B 93 -8.36 2.73 -12.49
CA ASP B 93 -8.75 2.20 -11.19
C ASP B 93 -7.70 2.76 -10.22
N GLY B 94 -8.16 3.58 -9.32
CA GLY B 94 -7.34 4.34 -8.37
C GLY B 94 -7.20 5.78 -8.83
N THR B 95 -8.29 6.47 -9.15
CA THR B 95 -8.24 7.88 -9.56
C THR B 95 -7.63 8.79 -8.50
N THR B 96 -7.97 8.49 -7.24
CA THR B 96 -7.34 9.28 -6.18
C THR B 96 -5.84 9.11 -6.14
N ASN B 97 -5.39 7.86 -6.29
CA ASN B 97 -3.95 7.63 -6.41
C ASN B 97 -3.34 8.40 -7.56
N PHE B 98 -4.01 8.41 -8.71
CA PHE B 98 -3.52 9.13 -9.89
C PHE B 98 -3.34 10.62 -9.59
N VAL B 99 -4.33 11.18 -8.94
CA VAL B 99 -4.32 12.63 -8.62
C VAL B 99 -3.13 12.98 -7.76
N HIS B 100 -2.66 12.07 -6.91
CA HIS B 100 -1.61 12.32 -5.96
C HIS B 100 -0.24 11.79 -6.37
N GLY B 101 -0.19 10.96 -7.39
CA GLY B 101 1.02 10.28 -7.83
C GLY B 101 1.36 9.09 -6.94
N PHE B 102 0.37 8.59 -6.22
CA PHE B 102 0.59 7.38 -5.39
C PHE B 102 0.73 6.20 -6.34
N PRO B 103 1.83 5.45 -6.33
CA PRO B 103 2.23 4.66 -7.49
C PRO B 103 1.50 3.36 -7.80
N PHE B 104 0.20 3.29 -7.53
CA PHE B 104 -0.68 2.17 -7.79
C PHE B 104 -1.90 2.69 -8.54
N VAL B 105 -1.74 2.64 -9.86
CA VAL B 105 -2.77 3.13 -10.75
C VAL B 105 -2.93 2.11 -11.88
N ALA B 106 -4.16 1.62 -12.06
CA ALA B 106 -4.36 0.55 -13.02
C ALA B 106 -5.33 0.92 -14.14
N VAL B 107 -5.06 0.31 -15.31
CA VAL B 107 -6.04 0.23 -16.34
C VAL B 107 -6.64 -1.20 -16.25
N SER B 108 -7.94 -1.36 -16.16
CA SER B 108 -8.53 -2.70 -15.99
C SER B 108 -9.56 -3.00 -17.06
N ILE B 109 -9.36 -4.17 -17.70
CA ILE B 109 -10.24 -4.64 -18.77
C ILE B 109 -10.64 -6.10 -18.46
N GLY B 110 -11.94 -6.32 -18.30
CA GLY B 110 -12.51 -7.64 -18.14
C GLY B 110 -13.32 -8.01 -19.36
N PHE B 111 -13.21 -9.24 -19.85
CA PHE B 111 -14.02 -9.79 -20.94
C PHE B 111 -14.89 -10.92 -20.40
N VAL B 112 -16.19 -10.78 -20.51
CA VAL B 112 -17.18 -11.69 -19.90
C VAL B 112 -18.11 -12.28 -20.95
N VAL B 113 -18.26 -13.62 -20.98
CA VAL B 113 -19.12 -14.29 -21.94
C VAL B 113 -20.09 -15.22 -21.22
N ASN B 114 -21.37 -15.29 -21.56
CA ASN B 114 -22.35 -16.06 -20.79
C ASN B 114 -22.33 -15.74 -19.31
N LYS B 115 -21.99 -14.50 -18.97
CA LYS B 115 -21.97 -13.93 -17.62
C LYS B 115 -20.86 -14.54 -16.80
N LYS B 116 -19.89 -15.18 -17.45
CA LYS B 116 -18.73 -15.76 -16.80
C LYS B 116 -17.46 -15.04 -17.26
N MET B 117 -16.61 -14.69 -16.31
CA MET B 117 -15.31 -14.13 -16.67
C MET B 117 -14.53 -15.03 -17.59
N GLU B 118 -14.08 -14.44 -18.70
CA GLU B 118 -13.23 -15.20 -19.64
C GLU B 118 -11.78 -14.79 -19.59
N PHE B 119 -11.45 -13.51 -19.69
CA PHE B 119 -10.10 -13.04 -19.48
C PHE B 119 -10.15 -11.65 -18.77
N GLY B 120 -8.99 -11.29 -18.25
CA GLY B 120 -8.81 -10.01 -17.55
C GLY B 120 -7.39 -9.50 -17.75
N ILE B 121 -7.25 -8.19 -17.84
CA ILE B 121 -6.04 -7.43 -18.01
C ILE B 121 -6.01 -6.32 -16.99
N VAL B 122 -4.98 -6.26 -16.17
CA VAL B 122 -4.83 -5.20 -15.21
C VAL B 122 -3.40 -4.65 -15.36
N TYR B 123 -3.27 -3.42 -15.89
CA TYR B 123 -1.97 -2.85 -16.15
C TYR B 123 -1.64 -1.82 -15.05
N SER B 124 -0.65 -2.13 -14.24
CA SER B 124 -0.18 -1.21 -13.21
C SER B 124 0.80 -0.24 -13.89
N CYS B 125 0.31 0.94 -14.20
CA CYS B 125 0.87 1.96 -15.06
C CYS B 125 2.18 2.53 -14.59
N LEU B 126 2.26 2.63 -13.27
CA LEU B 126 3.45 3.34 -12.78
C LEU B 126 4.55 2.38 -12.37
N GLU B 127 4.21 1.09 -12.35
CA GLU B 127 5.17 0.03 -12.03
C GLU B 127 5.63 -0.72 -13.28
N ASP B 128 4.93 -0.49 -14.38
CA ASP B 128 5.06 -1.20 -15.65
C ASP B 128 4.89 -2.71 -15.43
N LYS B 129 3.80 -3.10 -14.77
CA LYS B 129 3.48 -4.49 -14.50
C LYS B 129 2.15 -4.82 -15.19
N MET B 130 2.25 -5.72 -16.16
CA MET B 130 1.03 -6.12 -16.87
C MET B 130 0.50 -7.43 -16.27
N TYR B 131 -0.60 -7.41 -15.54
CA TYR B 131 -1.19 -8.65 -15.03
C TYR B 131 -2.24 -9.14 -16.01
N THR B 132 -2.19 -10.43 -16.32
CA THR B 132 -3.19 -11.02 -17.19
C THR B 132 -3.68 -12.35 -16.61
N GLY B 133 -4.88 -12.77 -17.02
CA GLY B 133 -5.41 -14.08 -16.75
C GLY B 133 -6.47 -14.43 -17.75
N ARG B 134 -6.62 -15.73 -18.04
CA ARG B 134 -7.67 -16.23 -18.89
C ARG B 134 -8.08 -17.62 -18.45
N LYS B 135 -9.39 -17.85 -18.46
CA LYS B 135 -9.94 -19.15 -18.07
C LYS B 135 -9.21 -20.26 -18.80
N GLY B 136 -8.67 -21.22 -18.03
CA GLY B 136 -8.01 -22.34 -18.67
C GLY B 136 -6.64 -22.10 -19.23
N LYS B 137 -6.01 -20.97 -18.87
CA LYS B 137 -4.73 -20.54 -19.44
C LYS B 137 -3.75 -20.06 -18.39
N GLY B 138 -4.07 -19.85 -17.14
CA GLY B 138 -3.14 -19.33 -16.16
C GLY B 138 -3.22 -17.83 -15.96
N ALA B 139 -2.55 -17.38 -14.95
CA ALA B 139 -2.40 -15.99 -14.55
C ALA B 139 -0.93 -15.58 -14.54
N PHE B 140 -0.61 -14.41 -15.05
CA PHE B 140 0.78 -13.97 -15.24
C PHE B 140 0.96 -12.49 -14.86
N CYS B 141 2.18 -12.15 -14.47
CA CYS B 141 2.62 -10.77 -14.35
C CYS B 141 3.93 -10.63 -15.16
N ASN B 142 3.86 -9.86 -16.25
CA ASN B 142 5.01 -9.72 -17.14
C ASN B 142 5.58 -11.07 -17.53
N GLY B 143 4.69 -12.04 -17.77
CA GLY B 143 5.21 -13.32 -18.22
C GLY B 143 5.48 -14.36 -17.16
N GLN B 144 5.57 -13.97 -15.90
CA GLN B 144 5.85 -14.84 -14.76
C GLN B 144 4.54 -15.39 -14.23
N LYS B 145 4.40 -16.71 -14.15
CA LYS B 145 3.15 -17.32 -13.71
C LYS B 145 2.88 -16.98 -12.24
N LEU B 146 1.64 -16.67 -11.92
CA LEU B 146 1.20 -16.31 -10.57
C LEU B 146 0.53 -17.45 -9.82
N GLN B 147 0.76 -17.51 -8.53
CA GLN B 147 0.18 -18.49 -7.64
C GLN B 147 -0.18 -17.87 -6.29
N VAL B 148 -1.40 -18.08 -5.80
CA VAL B 148 -1.78 -17.62 -4.46
C VAL B 148 -0.95 -18.33 -3.39
N SER B 149 -0.95 -17.72 -2.19
CA SER B 149 -0.34 -18.31 -1.00
C SER B 149 -1.30 -19.35 -0.44
N HIS B 150 -0.89 -20.07 0.62
CA HIS B 150 -1.78 -21.05 1.22
C HIS B 150 -1.70 -21.04 2.77
N GLN B 151 -2.40 -20.12 3.36
CA GLN B 151 -2.64 -19.95 4.78
C GLN B 151 -4.16 -20.11 5.07
N GLU B 152 -4.51 -21.21 5.76
CA GLU B 152 -5.91 -21.47 6.05
C GLU B 152 -6.22 -21.00 7.48
N ASP B 153 -5.27 -20.50 8.22
CA ASP B 153 -5.52 -20.01 9.59
C ASP B 153 -5.64 -18.48 9.57
N ILE B 154 -6.84 -17.93 9.79
CA ILE B 154 -7.04 -16.49 9.69
C ILE B 154 -6.15 -15.77 10.71
N THR B 155 -5.81 -16.40 11.84
CA THR B 155 -5.01 -15.68 12.82
C THR B 155 -3.57 -15.51 12.38
N LYS B 156 -3.19 -16.10 11.25
CA LYS B 156 -1.88 -15.89 10.66
C LYS B 156 -1.97 -15.26 9.26
N SER B 157 -3.11 -14.59 8.98
CA SER B 157 -3.36 -14.01 7.69
C SER B 157 -3.07 -12.52 7.60
N LEU B 158 -2.77 -12.09 6.40
CA LEU B 158 -2.57 -10.69 6.00
C LEU B 158 -3.72 -10.38 5.03
N LEU B 159 -4.67 -9.56 5.43
CA LEU B 159 -5.85 -9.23 4.64
C LEU B 159 -5.74 -7.86 3.98
N VAL B 160 -6.50 -7.65 2.92
CA VAL B 160 -6.46 -6.42 2.16
C VAL B 160 -7.86 -5.86 2.04
N THR B 161 -8.01 -4.56 2.26
CA THR B 161 -9.32 -3.92 2.04
C THR B 161 -9.12 -2.42 1.88
N GLU B 162 -10.21 -1.70 1.71
CA GLU B 162 -10.14 -0.25 1.55
C GLU B 162 -11.23 0.45 2.36
N LEU B 163 -11.01 1.70 2.69
CA LEU B 163 -11.97 2.45 3.48
C LEU B 163 -13.11 2.95 2.62
N GLY B 164 -12.95 3.07 1.32
CA GLY B 164 -14.05 3.41 0.43
C GLY B 164 -14.25 4.91 0.29
N SER B 165 -15.02 5.27 -0.74
CA SER B 165 -15.29 6.68 -1.05
C SER B 165 -16.38 7.30 -0.20
N SER B 166 -17.25 6.50 0.41
CA SER B 166 -18.25 7.01 1.32
C SER B 166 -17.70 7.86 2.46
N ARG B 167 -18.38 8.96 2.75
CA ARG B 167 -18.00 9.76 3.90
C ARG B 167 -19.22 9.95 4.80
N THR B 168 -20.25 9.17 4.63
CA THR B 168 -21.41 9.02 5.50
C THR B 168 -21.09 8.28 6.78
N PRO B 169 -21.32 8.93 7.93
CA PRO B 169 -20.83 8.43 9.22
C PRO B 169 -21.27 7.01 9.54
N GLU B 170 -22.52 6.66 9.34
CA GLU B 170 -22.99 5.31 9.64
C GLU B 170 -22.19 4.28 8.86
N THR B 171 -21.90 4.61 7.59
CA THR B 171 -21.24 3.67 6.68
C THR B 171 -19.78 3.48 7.03
N VAL B 172 -19.12 4.62 7.21
CA VAL B 172 -17.75 4.59 7.71
C VAL B 172 -17.66 3.82 9.03
N ARG B 173 -18.63 3.98 9.92
CA ARG B 173 -18.56 3.27 11.20
C ARG B 173 -18.63 1.76 11.02
N ILE B 174 -19.48 1.25 10.14
CA ILE B 174 -19.53 -0.19 9.91
C ILE B 174 -18.25 -0.66 9.23
N ILE B 175 -17.73 0.10 8.29
CA ILE B 175 -16.47 -0.35 7.67
C ILE B 175 -15.38 -0.47 8.69
N LEU B 176 -15.25 0.54 9.54
CA LEU B 176 -14.19 0.48 10.55
C LEU B 176 -14.49 -0.61 11.57
N SER B 177 -15.76 -0.91 11.89
CA SER B 177 -16.15 -1.94 12.86
C SER B 177 -15.81 -3.33 12.33
N ASN B 178 -15.98 -3.53 11.02
CA ASN B 178 -15.52 -4.75 10.36
C ASN B 178 -14.00 -4.88 10.48
N ILE B 179 -13.25 -3.82 10.26
CA ILE B 179 -11.80 -3.84 10.42
C ILE B 179 -11.39 -4.15 11.85
N GLU B 180 -12.02 -3.54 12.84
CA GLU B 180 -11.82 -3.78 14.24
C GLU B 180 -12.05 -5.27 14.58
N ARG B 181 -13.15 -5.86 14.10
CA ARG B 181 -13.48 -7.25 14.40
C ARG B 181 -12.37 -8.15 13.84
N LEU B 182 -11.98 -7.93 12.59
CA LEU B 182 -10.98 -8.80 12.00
C LEU B 182 -9.62 -8.61 12.67
N LEU B 183 -9.23 -7.36 12.87
CA LEU B 183 -7.90 -7.08 13.42
C LEU B 183 -7.77 -7.79 14.74
N CYS B 184 -8.84 -7.85 15.53
CA CYS B 184 -8.72 -8.40 16.87
C CYS B 184 -9.01 -9.89 16.98
N LEU B 185 -9.13 -10.63 15.90
CA LEU B 185 -9.31 -12.07 16.03
C LEU B 185 -8.16 -12.82 16.70
N PRO B 186 -6.89 -12.48 16.64
CA PRO B 186 -6.23 -11.42 15.89
C PRO B 186 -5.76 -11.94 14.53
N ILE B 187 -5.42 -11.04 13.64
CA ILE B 187 -4.79 -11.32 12.37
C ILE B 187 -3.44 -10.59 12.30
N HIS B 188 -2.61 -10.95 11.32
CA HIS B 188 -1.31 -10.33 11.18
C HIS B 188 -1.40 -8.85 10.78
N GLY B 189 -2.37 -8.49 9.95
CA GLY B 189 -2.52 -7.06 9.61
C GLY B 189 -3.48 -6.92 8.44
N ILE B 190 -3.70 -5.65 8.10
CA ILE B 190 -4.51 -5.24 6.98
C ILE B 190 -3.66 -4.33 6.10
N ARG B 191 -3.78 -4.54 4.81
CA ARG B 191 -3.08 -3.76 3.81
C ARG B 191 -4.11 -3.20 2.82
N GLY B 192 -3.58 -2.38 1.94
CA GLY B 192 -4.34 -1.87 0.80
C GLY B 192 -3.48 -0.94 -0.02
N VAL B 193 -3.62 -0.88 -1.32
CA VAL B 193 -2.81 0.07 -2.09
C VAL B 193 -3.70 1.12 -2.75
N GLY B 194 -4.99 1.11 -2.46
CA GLY B 194 -5.91 2.11 -2.96
C GLY B 194 -6.55 1.87 -4.30
N THR B 195 -6.49 0.63 -4.78
CA THR B 195 -7.24 0.22 -5.96
C THR B 195 -7.67 -1.23 -5.80
N ALA B 196 -8.93 -1.53 -6.05
CA ALA B 196 -9.48 -2.88 -5.96
C ALA B 196 -8.73 -3.85 -6.88
N ALA B 197 -8.50 -3.46 -8.12
CA ALA B 197 -7.83 -4.34 -9.09
C ALA B 197 -6.46 -4.76 -8.64
N LEU B 198 -5.64 -3.87 -8.17
CA LEU B 198 -4.28 -4.13 -7.76
C LEU B 198 -4.31 -4.79 -6.38
N ASN B 199 -5.25 -4.53 -5.51
CA ASN B 199 -5.34 -5.31 -4.27
C ASN B 199 -5.60 -6.77 -4.59
N MET B 200 -6.50 -7.00 -5.55
CA MET B 200 -6.77 -8.37 -5.98
C MET B 200 -5.57 -9.01 -6.66
N CYS B 201 -4.84 -8.24 -7.46
CA CYS B 201 -3.62 -8.78 -8.08
C CYS B 201 -2.54 -9.15 -7.04
N LEU B 202 -2.49 -8.42 -5.94
CA LEU B 202 -1.58 -8.79 -4.85
C LEU B 202 -1.95 -10.13 -4.25
N VAL B 203 -3.24 -10.40 -4.10
CA VAL B 203 -3.69 -11.73 -3.65
C VAL B 203 -3.32 -12.76 -4.72
N ALA B 204 -3.57 -12.48 -5.99
CA ALA B 204 -3.24 -13.42 -7.04
C ALA B 204 -1.77 -13.82 -7.01
N ALA B 205 -0.88 -12.90 -6.67
CA ALA B 205 0.57 -13.09 -6.70
C ALA B 205 1.07 -13.74 -5.41
N GLY B 206 0.23 -13.88 -4.42
CA GLY B 206 0.66 -14.52 -3.17
C GLY B 206 1.22 -13.54 -2.17
N ALA B 207 1.09 -12.25 -2.37
CA ALA B 207 1.60 -11.20 -1.52
C ALA B 207 0.72 -10.89 -0.33
N ALA B 208 -0.55 -11.30 -0.37
CA ALA B 208 -1.45 -11.26 0.77
C ALA B 208 -2.45 -12.42 0.68
N ASP B 209 -3.16 -12.69 1.78
CA ASP B 209 -3.99 -13.90 1.80
C ASP B 209 -5.41 -13.78 1.28
N ALA B 210 -5.99 -12.58 1.46
CA ALA B 210 -7.36 -12.38 0.96
C ALA B 210 -7.65 -10.87 0.93
N TYR B 211 -8.57 -10.50 0.05
CA TYR B 211 -9.10 -9.16 -0.10
C TYR B 211 -10.61 -9.19 0.11
N TYR B 212 -11.21 -8.18 0.72
CA TYR B 212 -12.68 -8.05 0.73
C TYR B 212 -13.02 -6.56 0.57
N GLU B 213 -14.19 -6.32 -0.01
CA GLU B 213 -14.73 -4.97 -0.05
C GLU B 213 -16.20 -4.95 -0.44
N MET B 214 -16.90 -3.98 0.14
CA MET B 214 -18.28 -3.70 -0.23
C MET B 214 -18.35 -2.26 -0.71
N GLY B 215 -18.91 -2.01 -1.87
CA GLY B 215 -19.01 -0.65 -2.41
C GLY B 215 -18.32 -0.58 -3.76
N ILE B 216 -17.61 -1.63 -4.16
CA ILE B 216 -17.00 -1.70 -5.47
C ILE B 216 -18.08 -1.91 -6.53
N HIS B 217 -17.68 -1.84 -7.80
CA HIS B 217 -18.55 -2.06 -8.94
C HIS B 217 -17.95 -3.15 -9.84
N CYS B 218 -18.75 -3.61 -10.78
CA CYS B 218 -18.31 -4.69 -11.64
C CYS B 218 -17.00 -4.32 -12.33
N TRP B 219 -16.79 -3.09 -12.73
CA TRP B 219 -15.57 -2.75 -13.42
C TRP B 219 -14.30 -2.71 -12.56
N ASP B 220 -14.46 -2.62 -11.27
CA ASP B 220 -13.32 -2.63 -10.36
C ASP B 220 -12.72 -4.03 -10.28
N VAL B 221 -13.57 -5.04 -10.42
CA VAL B 221 -13.20 -6.41 -10.09
C VAL B 221 -13.22 -7.37 -11.28
N ALA B 222 -13.85 -7.03 -12.43
CA ALA B 222 -13.98 -8.01 -13.51
C ALA B 222 -12.64 -8.41 -14.13
N GLY B 223 -11.72 -7.48 -14.29
CA GLY B 223 -10.43 -7.85 -14.83
C GLY B 223 -9.61 -8.67 -13.84
N ALA B 224 -9.59 -8.31 -12.59
CA ALA B 224 -8.76 -9.00 -11.62
C ALA B 224 -9.38 -10.30 -11.15
N GLY B 225 -10.66 -10.54 -11.24
CA GLY B 225 -11.29 -11.72 -10.68
C GLY B 225 -10.75 -13.00 -11.28
N ILE B 226 -10.67 -13.03 -12.60
CA ILE B 226 -10.16 -14.23 -13.29
C ILE B 226 -8.67 -14.39 -13.02
N ILE B 227 -7.94 -13.31 -12.77
CA ILE B 227 -6.52 -13.43 -12.44
C ILE B 227 -6.40 -14.14 -11.10
N VAL B 228 -7.22 -13.77 -10.12
CA VAL B 228 -7.22 -14.43 -8.83
C VAL B 228 -7.56 -15.91 -8.98
N THR B 229 -8.61 -16.24 -9.71
CA THR B 229 -8.99 -17.65 -9.78
C THR B 229 -8.00 -18.46 -10.61
N GLU B 230 -7.42 -17.90 -11.65
CA GLU B 230 -6.38 -18.64 -12.43
C GLU B 230 -5.09 -18.78 -11.65
N ALA B 231 -4.89 -17.99 -10.63
CA ALA B 231 -3.75 -18.13 -9.72
C ALA B 231 -4.01 -19.14 -8.63
N GLY B 232 -5.20 -19.72 -8.61
CA GLY B 232 -5.61 -20.68 -7.62
C GLY B 232 -6.49 -20.27 -6.48
N GLY B 233 -6.97 -19.02 -6.52
CA GLY B 233 -7.84 -18.53 -5.49
C GLY B 233 -9.31 -18.71 -5.79
N VAL B 234 -10.15 -18.14 -4.94
CA VAL B 234 -11.59 -18.26 -4.99
C VAL B 234 -12.25 -16.92 -4.74
N LEU B 235 -13.38 -16.72 -5.39
CA LEU B 235 -14.23 -15.57 -5.15
C LEU B 235 -15.49 -16.01 -4.39
N LEU B 236 -15.98 -15.20 -3.47
CA LEU B 236 -17.21 -15.49 -2.75
C LEU B 236 -17.95 -14.18 -2.57
N ASP B 237 -19.26 -14.26 -2.34
CA ASP B 237 -19.93 -13.06 -1.82
C ASP B 237 -19.67 -12.97 -0.31
N VAL B 238 -19.79 -11.76 0.23
CA VAL B 238 -19.64 -11.56 1.65
C VAL B 238 -20.73 -12.31 2.42
N THR B 239 -21.79 -12.76 1.76
CA THR B 239 -22.83 -13.55 2.40
C THR B 239 -22.40 -15.01 2.55
N GLY B 240 -21.34 -15.45 1.89
CA GLY B 240 -21.00 -16.88 1.99
C GLY B 240 -21.34 -17.62 0.71
N GLY B 241 -22.35 -17.19 0.01
CA GLY B 241 -22.82 -17.60 -1.30
C GLY B 241 -21.91 -17.26 -2.47
N PRO B 242 -22.37 -17.71 -3.64
CA PRO B 242 -21.60 -17.53 -4.87
C PRO B 242 -21.24 -16.07 -5.17
N PHE B 243 -20.05 -15.84 -5.70
CA PHE B 243 -19.72 -14.46 -6.04
C PHE B 243 -20.66 -13.99 -7.16
N ASP B 244 -21.10 -12.75 -7.01
CA ASP B 244 -22.03 -12.11 -7.97
C ASP B 244 -21.41 -10.80 -8.42
N LEU B 245 -20.96 -10.77 -9.65
CA LEU B 245 -20.26 -9.64 -10.20
C LEU B 245 -21.00 -8.30 -10.15
N MET B 246 -22.33 -8.36 -10.15
CA MET B 246 -23.09 -7.11 -10.15
C MET B 246 -23.57 -6.70 -8.76
N SER B 247 -23.11 -7.35 -7.68
CA SER B 247 -23.67 -7.20 -6.35
C SER B 247 -23.05 -6.11 -5.48
N ARG B 248 -21.98 -5.50 -5.91
CA ARG B 248 -21.22 -4.50 -5.17
C ARG B 248 -20.38 -5.07 -4.04
N ARG B 249 -20.25 -6.39 -3.96
CA ARG B 249 -19.54 -7.03 -2.85
C ARG B 249 -18.59 -8.11 -3.34
N VAL B 250 -17.44 -8.28 -2.67
CA VAL B 250 -16.49 -9.29 -3.08
C VAL B 250 -15.62 -9.71 -1.91
N ILE B 251 -15.38 -11.00 -1.86
CA ILE B 251 -14.25 -11.59 -1.14
C ILE B 251 -13.38 -12.32 -2.18
N ALA B 252 -12.12 -12.00 -2.34
CA ALA B 252 -11.20 -12.60 -3.28
C ALA B 252 -10.11 -13.23 -2.44
N SER B 253 -10.13 -14.53 -2.29
CA SER B 253 -9.28 -15.21 -1.32
C SER B 253 -8.36 -16.25 -1.93
N SER B 254 -7.23 -16.50 -1.26
CA SER B 254 -6.38 -17.58 -1.75
C SER B 254 -7.06 -18.94 -1.59
N ASN B 255 -7.87 -19.19 -0.59
CA ASN B 255 -8.63 -20.39 -0.32
C ASN B 255 -9.99 -20.20 0.33
N LYS B 256 -10.80 -21.27 0.30
CA LYS B 256 -12.18 -21.27 0.79
C LYS B 256 -12.31 -21.14 2.31
N THR B 257 -11.37 -21.72 3.07
CA THR B 257 -11.47 -21.65 4.53
C THR B 257 -11.43 -20.21 5.00
N LEU B 258 -10.43 -19.49 4.50
CA LEU B 258 -10.26 -18.10 4.85
C LEU B 258 -11.46 -17.28 4.38
N ALA B 259 -11.90 -17.50 3.14
CA ALA B 259 -13.04 -16.76 2.62
C ALA B 259 -14.29 -16.92 3.46
N GLU B 260 -14.61 -18.17 3.83
CA GLU B 260 -15.82 -18.42 4.59
C GLU B 260 -15.74 -17.79 5.97
N ARG B 261 -14.54 -17.80 6.56
CA ARG B 261 -14.35 -17.19 7.88
C ARG B 261 -14.52 -15.68 7.81
N ILE B 262 -13.97 -15.06 6.77
CA ILE B 262 -14.10 -13.60 6.65
C ILE B 262 -15.57 -13.22 6.55
N ALA B 263 -16.31 -13.94 5.73
CA ALA B 263 -17.74 -13.74 5.55
C ALA B 263 -18.48 -13.74 6.89
N LYS B 264 -18.10 -14.66 7.77
CA LYS B 264 -18.73 -14.76 9.07
C LYS B 264 -18.52 -13.50 9.91
N GLU B 265 -17.45 -12.73 9.74
CA GLU B 265 -17.17 -11.61 10.64
C GLU B 265 -17.62 -10.23 10.18
N ILE B 266 -18.01 -10.14 8.92
CA ILE B 266 -18.34 -8.94 8.22
C ILE B 266 -19.84 -8.65 8.31
N GLN B 267 -20.14 -7.44 8.76
CA GLN B 267 -21.45 -6.81 8.69
C GLN B 267 -21.70 -6.18 7.33
N ILE B 268 -22.84 -6.42 6.70
CA ILE B 268 -23.09 -5.98 5.34
C ILE B 268 -23.61 -4.56 5.26
N ILE B 269 -23.14 -3.76 4.31
CA ILE B 269 -23.68 -2.41 4.22
C ILE B 269 -24.66 -2.41 3.05
N PRO B 270 -25.66 -1.54 3.07
CA PRO B 270 -26.63 -1.54 1.95
C PRO B 270 -26.10 -0.71 0.77
N LEU B 271 -26.31 -1.26 -0.42
CA LEU B 271 -25.82 -0.74 -1.67
C LEU B 271 -26.72 -1.10 -2.87
N GLN B 272 -26.81 -0.21 -3.83
CA GLN B 272 -27.48 -0.28 -5.11
C GLN B 272 -26.68 -1.20 -6.04
N ARG B 273 -27.28 -2.36 -6.39
CA ARG B 273 -26.65 -3.24 -7.34
C ARG B 273 -26.47 -2.61 -8.71
N ASP B 274 -25.45 -3.05 -9.43
CA ASP B 274 -25.13 -2.58 -10.76
C ASP B 274 -26.21 -3.01 -11.77
N ASP B 275 -27.13 -3.87 -11.35
CA ASP B 275 -28.20 -4.31 -12.25
C ASP B 275 -29.56 -3.76 -11.84
N GLU B 276 -29.59 -2.88 -10.85
CA GLU B 276 -30.83 -2.15 -10.50
C GLU B 276 -30.60 -0.65 -10.46
N ASP B 277 -31.46 0.09 -9.93
#